data_6JCR
#
_entry.id   6JCR
#
_cell.length_a   1.00
_cell.length_b   1.00
_cell.length_c   1.00
_cell.angle_alpha   90.00
_cell.angle_beta   90.00
_cell.angle_gamma   90.00
#
_symmetry.space_group_name_H-M   'P 1'
#
_entity_poly.entity_id   1
_entity_poly.type   'polypeptide(L)'
_entity_poly.pdbx_seq_one_letter_code
;DGVGNASGNWHCDSTWLGDRVITTSTRTWALPTYNNHLYKQISSASTGASNDNHYFGYSTPWGYFDFNRFHCHFSPRDWQ
RLINNNWGFRPKRLNFKLFNIQVKEVTTNDGVTTIANNLTSTVQVFSDSEYQLPYVLGSAHQGCLPPFPADVFMIPQYGY
LTLNNGSQAVGRSSFYCLEYFPSQMLRTGNNFTFSYTFEEVPFHSSYAHSQSLDRLMNPLIDQYLYYLNRTQNQSGSAQN
KDLLFSRGSPAGMSVQPKNWLPGPCYRQQRVSKTKTDNNNSNFTWTGASKYNLNGRESIINPGTAMASHKDDEDKFFPMS
GVMIFGKESAGASNTALDNVMITDEEEIKATNPVATERFGTVAVNFQSSSTDPATGDVHAMGALPGMVWQDRDVYLQGPI
WAKIPHTDGHFHPSPLMGGFGLKNPPPQILIKNTPVPANPPAEFSATKFASFITQYSTGQVSVEIEWELQKENSKRWNPE
VQYTSNYAKSANVDFTVDNNGLYTEPRPIGTRYLTRPL
;
_entity_poly.pdbx_strand_id   A
#
# COMPACT_ATOMS: atom_id res chain seq x y z
N ASP A 1 17.91 -7.03 -32.57
CA ASP A 1 17.72 -8.44 -32.88
C ASP A 1 19.04 -9.18 -32.78
N GLY A 2 19.24 -9.85 -31.63
CA GLY A 2 20.47 -10.55 -31.29
C GLY A 2 20.94 -11.63 -32.25
N VAL A 3 22.13 -12.20 -32.07
CA VAL A 3 22.94 -12.18 -30.85
C VAL A 3 23.74 -10.91 -30.58
N GLY A 4 24.52 -10.47 -31.56
CA GLY A 4 25.34 -9.29 -31.36
C GLY A 4 24.64 -8.00 -31.71
N ASN A 5 23.47 -7.80 -31.14
CA ASN A 5 22.63 -6.65 -31.45
C ASN A 5 21.62 -6.44 -30.32
N ALA A 6 21.66 -5.27 -29.69
CA ALA A 6 20.84 -5.02 -28.53
C ALA A 6 19.39 -4.76 -28.93
N SER A 7 18.46 -5.28 -28.13
CA SER A 7 17.04 -5.23 -28.45
C SER A 7 16.29 -4.21 -27.62
N GLY A 8 16.95 -3.13 -27.23
CA GLY A 8 16.33 -2.07 -26.46
C GLY A 8 17.41 -1.24 -25.79
N ASN A 9 17.07 0.02 -25.53
CA ASN A 9 17.97 0.97 -24.89
C ASN A 9 17.55 1.22 -23.45
N TRP A 10 18.39 1.94 -22.72
CA TRP A 10 18.14 2.27 -21.32
C TRP A 10 17.38 3.59 -21.26
N HIS A 11 16.08 3.50 -21.05
CA HIS A 11 15.26 4.69 -20.89
C HIS A 11 14.88 4.86 -19.42
N CYS A 12 15.35 5.95 -18.82
CA CYS A 12 15.03 6.16 -17.41
C CYS A 12 14.78 7.64 -17.12
N ASP A 13 14.25 8.39 -18.08
CA ASP A 13 14.09 9.82 -17.96
C ASP A 13 12.77 10.13 -17.26
N SER A 14 12.47 11.40 -17.01
CA SER A 14 11.19 11.80 -16.45
C SER A 14 10.78 13.16 -16.99
N THR A 15 9.98 13.19 -18.05
CA THR A 15 9.59 14.44 -18.66
C THR A 15 8.33 14.96 -17.99
N TRP A 16 8.42 16.14 -17.42
CA TRP A 16 7.29 16.84 -16.82
C TRP A 16 6.66 17.72 -17.88
N LEU A 17 5.54 17.28 -18.43
CA LEU A 17 4.81 18.13 -19.37
C LEU A 17 3.88 19.03 -18.57
N GLY A 18 2.92 19.65 -19.25
CA GLY A 18 2.09 20.66 -18.63
C GLY A 18 1.17 20.17 -17.53
N ASP A 19 0.19 19.37 -17.90
CA ASP A 19 -0.78 18.84 -16.94
C ASP A 19 -0.63 17.33 -16.80
N ARG A 20 0.62 16.89 -16.96
CA ARG A 20 0.99 15.49 -16.86
C ARG A 20 2.48 15.29 -16.67
N VAL A 21 2.86 14.15 -16.09
CA VAL A 21 4.25 13.76 -15.93
C VAL A 21 4.40 12.33 -16.44
N ILE A 22 5.38 12.09 -17.30
CA ILE A 22 5.67 10.77 -17.83
C ILE A 22 6.96 10.31 -17.18
N THR A 23 6.88 9.27 -16.38
CA THR A 23 8.04 8.72 -15.70
C THR A 23 8.42 7.38 -16.33
N THR A 24 9.68 7.28 -16.74
CA THR A 24 10.24 6.06 -17.30
C THR A 24 11.29 5.53 -16.33
N SER A 25 11.47 4.21 -16.30
CA SER A 25 12.35 3.60 -15.32
C SER A 25 12.86 2.24 -15.75
N THR A 26 14.13 2.13 -16.12
CA THR A 26 14.72 0.87 -16.53
C THR A 26 15.48 0.26 -15.36
N ARG A 27 15.35 -1.06 -15.21
CA ARG A 27 16.10 -1.80 -14.19
C ARG A 27 16.69 -3.05 -14.83
N THR A 28 17.79 -3.52 -14.26
CA THR A 28 18.36 -4.80 -14.59
C THR A 28 17.82 -5.85 -13.63
N TRP A 29 17.35 -6.97 -14.17
CA TRP A 29 16.76 -8.03 -13.36
C TRP A 29 17.55 -9.31 -13.48
N ALA A 30 17.24 -10.23 -12.57
CA ALA A 30 17.81 -11.57 -12.56
C ALA A 30 16.73 -12.55 -12.12
N LEU A 31 16.59 -13.64 -12.86
CA LEU A 31 15.54 -14.62 -12.62
C LEU A 31 16.14 -16.00 -12.42
N PRO A 32 16.02 -16.60 -11.25
CA PRO A 32 16.54 -17.95 -11.04
C PRO A 32 15.53 -18.98 -11.52
N THR A 33 15.85 -20.24 -11.25
CA THR A 33 14.92 -21.33 -11.45
C THR A 33 14.31 -21.69 -10.09
N TYR A 34 13.00 -21.57 -9.99
CA TYR A 34 12.28 -21.84 -8.76
C TYR A 34 11.68 -23.23 -8.78
N ASN A 35 11.64 -23.85 -7.60
CA ASN A 35 11.08 -25.17 -7.32
C ASN A 35 11.68 -26.31 -8.12
N ASN A 36 12.79 -26.07 -8.82
CA ASN A 36 13.37 -26.94 -9.84
C ASN A 36 12.29 -27.33 -10.83
N HIS A 37 11.61 -26.33 -11.39
CA HIS A 37 10.58 -26.40 -12.42
C HIS A 37 9.31 -27.12 -11.97
N LEU A 38 8.97 -27.12 -10.69
CA LEU A 38 7.87 -27.91 -10.20
C LEU A 38 6.74 -27.05 -9.65
N TYR A 39 5.55 -27.61 -9.66
CA TYR A 39 4.38 -27.01 -9.02
C TYR A 39 4.19 -27.59 -7.62
N LYS A 40 5.03 -27.18 -6.68
CA LYS A 40 4.94 -27.69 -5.33
C LYS A 40 3.76 -27.07 -4.60
N GLN A 41 2.95 -27.90 -3.98
CA GLN A 41 1.79 -27.41 -3.24
C GLN A 41 2.21 -27.12 -1.80
N ILE A 42 1.79 -25.99 -1.31
CA ILE A 42 2.21 -25.53 0.01
C ILE A 42 0.99 -25.45 0.90
N SER A 43 1.21 -25.73 2.19
CA SER A 43 0.14 -25.69 3.16
C SER A 43 0.76 -25.41 4.51
N SER A 44 -0.06 -25.48 5.56
CA SER A 44 0.41 -25.16 6.89
C SER A 44 0.56 -26.37 7.78
N ALA A 45 0.52 -27.58 7.22
CA ALA A 45 0.61 -28.79 8.03
C ALA A 45 2.01 -28.98 8.56
N SER A 46 3.02 -28.76 7.72
CA SER A 46 4.41 -28.98 8.09
C SER A 46 4.92 -27.90 9.01
N THR A 47 4.25 -26.74 9.03
CA THR A 47 4.72 -25.60 9.80
C THR A 47 4.35 -25.70 11.27
N GLY A 48 3.17 -26.23 11.58
CA GLY A 48 2.70 -26.24 12.95
C GLY A 48 2.32 -24.84 13.40
N ALA A 49 1.27 -24.30 12.80
CA ALA A 49 0.85 -22.93 13.03
C ALA A 49 -0.36 -22.88 13.94
N SER A 50 -0.87 -21.67 14.15
CA SER A 50 -2.11 -21.44 14.87
C SER A 50 -3.27 -21.58 13.89
N ASN A 51 -4.50 -21.46 14.40
CA ASN A 51 -5.69 -21.56 13.57
C ASN A 51 -5.76 -20.39 12.60
N ASP A 52 -5.26 -19.23 13.03
CA ASP A 52 -5.33 -18.03 12.22
C ASP A 52 -4.35 -18.04 11.07
N ASN A 53 -3.22 -18.71 11.24
CA ASN A 53 -2.16 -18.67 10.24
C ASN A 53 -2.14 -19.87 9.33
N HIS A 54 -3.18 -20.71 9.35
CA HIS A 54 -3.26 -21.81 8.41
C HIS A 54 -3.51 -21.30 6.99
N TYR A 55 -2.98 -22.04 6.03
CA TYR A 55 -3.13 -21.72 4.62
C TYR A 55 -3.00 -22.98 3.80
N PHE A 56 -3.47 -22.89 2.56
CA PHE A 56 -3.32 -23.96 1.58
C PHE A 56 -3.08 -23.28 0.25
N GLY A 57 -2.05 -23.67 -0.45
CA GLY A 57 -1.74 -23.00 -1.69
C GLY A 57 -0.85 -23.79 -2.59
N TYR A 58 -0.34 -23.11 -3.61
CA TYR A 58 0.50 -23.70 -4.63
C TYR A 58 1.60 -22.71 -4.98
N SER A 59 2.85 -23.16 -4.95
CA SER A 59 3.98 -22.37 -5.41
C SER A 59 4.38 -22.85 -6.80
N THR A 60 4.76 -21.93 -7.66
CA THR A 60 5.02 -22.15 -9.07
C THR A 60 6.48 -21.91 -9.40
N PRO A 61 6.99 -22.42 -10.52
CA PRO A 61 8.33 -22.03 -10.98
C PRO A 61 8.37 -20.70 -11.72
N TRP A 62 7.27 -19.97 -11.75
CA TRP A 62 7.16 -18.72 -12.48
C TRP A 62 7.55 -17.56 -11.59
N GLY A 63 8.22 -16.58 -12.17
CA GLY A 63 8.44 -15.31 -11.53
C GLY A 63 7.35 -14.33 -11.91
N TYR A 64 7.43 -13.13 -11.33
CA TYR A 64 6.53 -12.06 -11.72
C TYR A 64 7.21 -10.72 -11.52
N PHE A 65 6.97 -9.82 -12.47
CA PHE A 65 7.41 -8.43 -12.35
C PHE A 65 6.39 -7.65 -11.56
N ASP A 66 6.87 -6.87 -10.59
CA ASP A 66 6.00 -5.96 -9.86
C ASP A 66 6.70 -4.61 -9.78
N PHE A 67 5.95 -3.56 -10.11
CA PHE A 67 6.40 -2.19 -10.02
C PHE A 67 5.33 -1.38 -9.30
N ASN A 68 4.88 -1.90 -8.17
CA ASN A 68 3.75 -1.37 -7.41
C ASN A 68 4.21 -0.57 -6.21
N ARG A 69 5.28 0.22 -6.34
CA ARG A 69 5.66 1.19 -5.33
C ARG A 69 5.96 2.50 -6.05
N PHE A 70 5.79 3.61 -5.36
CA PHE A 70 5.93 4.90 -6.00
C PHE A 70 7.37 5.29 -6.32
N HIS A 71 8.35 4.76 -5.61
CA HIS A 71 9.75 5.05 -5.93
C HIS A 71 10.28 4.22 -7.07
N CYS A 72 9.50 3.28 -7.58
CA CYS A 72 9.89 2.59 -8.80
C CYS A 72 9.76 3.48 -10.02
N HIS A 73 9.07 4.60 -9.92
CA HIS A 73 8.82 5.50 -11.02
C HIS A 73 9.24 6.94 -10.73
N PHE A 74 9.16 7.36 -9.48
CA PHE A 74 9.52 8.73 -9.10
C PHE A 74 10.84 8.70 -8.35
N SER A 75 11.75 9.59 -8.73
CA SER A 75 12.92 9.90 -7.95
C SER A 75 12.50 10.73 -6.73
N PRO A 76 13.36 10.88 -5.72
CA PRO A 76 13.01 11.78 -4.62
C PRO A 76 12.85 13.24 -5.03
N ARG A 77 13.56 13.69 -6.06
CA ARG A 77 13.34 15.01 -6.61
C ARG A 77 12.04 15.13 -7.36
N ASP A 78 11.70 14.14 -8.19
CA ASP A 78 10.44 14.17 -8.92
C ASP A 78 9.26 13.97 -8.01
N TRP A 79 9.46 13.34 -6.85
CA TRP A 79 8.39 13.25 -5.88
C TRP A 79 8.15 14.60 -5.22
N GLN A 80 9.23 15.30 -4.88
CA GLN A 80 9.13 16.64 -4.30
C GLN A 80 8.53 17.62 -5.30
N ARG A 81 8.88 17.47 -6.57
CA ARG A 81 8.33 18.32 -7.62
C ARG A 81 6.90 17.91 -7.98
N LEU A 82 6.40 16.83 -7.40
CA LEU A 82 5.02 16.38 -7.50
C LEU A 82 4.17 16.81 -6.33
N ILE A 83 4.64 16.59 -5.10
CA ILE A 83 3.80 16.78 -3.92
C ILE A 83 3.63 18.26 -3.58
N ASN A 84 4.51 19.14 -4.06
CA ASN A 84 4.54 20.49 -3.54
C ASN A 84 3.76 21.48 -4.37
N ASN A 85 3.39 21.12 -5.59
CA ASN A 85 2.69 22.05 -6.45
C ASN A 85 1.63 21.35 -7.28
N ASN A 86 1.03 20.31 -6.71
CA ASN A 86 -0.07 19.60 -7.33
C ASN A 86 -1.09 19.24 -6.26
N TRP A 87 -2.36 19.46 -6.57
CA TRP A 87 -3.47 19.05 -5.72
C TRP A 87 -3.95 17.64 -6.01
N GLY A 88 -3.28 16.91 -6.89
CA GLY A 88 -3.70 15.56 -7.17
C GLY A 88 -2.89 14.96 -8.29
N PHE A 89 -3.00 13.65 -8.40
CA PHE A 89 -2.41 12.90 -9.50
C PHE A 89 -3.15 11.58 -9.63
N ARG A 90 -3.10 11.02 -10.84
CA ARG A 90 -3.61 9.69 -11.11
C ARG A 90 -2.90 9.17 -12.35
N PRO A 91 -2.71 7.85 -12.46
CA PRO A 91 -2.06 7.30 -13.65
C PRO A 91 -3.03 7.16 -14.80
N LYS A 92 -2.55 7.50 -16.01
CA LYS A 92 -3.37 7.37 -17.19
C LYS A 92 -3.09 6.09 -17.97
N ARG A 93 -1.83 5.82 -18.26
CA ARG A 93 -1.48 4.65 -19.04
C ARG A 93 -0.05 4.26 -18.71
N LEU A 94 0.22 2.97 -18.76
CA LEU A 94 1.59 2.48 -18.63
C LEU A 94 2.01 1.81 -19.92
N ASN A 95 3.27 1.44 -19.97
CA ASN A 95 3.88 0.95 -21.21
C ASN A 95 5.08 0.11 -20.78
N PHE A 96 4.94 -1.20 -20.86
CA PHE A 96 5.90 -2.15 -20.33
C PHE A 96 6.80 -2.66 -21.45
N LYS A 97 8.06 -2.93 -21.11
CA LYS A 97 9.02 -3.41 -22.09
C LYS A 97 10.05 -4.29 -21.40
N LEU A 98 10.45 -5.38 -22.05
CA LEU A 98 11.34 -6.38 -21.50
C LEU A 98 12.35 -6.78 -22.56
N PHE A 99 13.62 -6.50 -22.34
CA PHE A 99 14.56 -6.48 -23.45
C PHE A 99 15.95 -6.86 -22.98
N ASN A 100 16.83 -7.13 -23.95
CA ASN A 100 18.23 -7.52 -23.77
C ASN A 100 18.39 -8.74 -22.88
N ILE A 101 17.77 -9.83 -23.32
CA ILE A 101 17.66 -11.04 -22.52
C ILE A 101 18.90 -11.90 -22.66
N GLN A 102 19.43 -12.36 -21.53
CA GLN A 102 20.66 -13.14 -21.49
C GLN A 102 20.41 -14.35 -20.62
N VAL A 103 20.36 -15.54 -21.22
CA VAL A 103 20.15 -16.76 -20.46
C VAL A 103 21.51 -17.41 -20.23
N LYS A 104 21.85 -17.60 -18.97
CA LYS A 104 23.18 -18.03 -18.55
C LYS A 104 23.06 -19.40 -17.91
N GLU A 105 23.89 -20.35 -18.33
CA GLU A 105 23.90 -21.67 -17.72
C GLU A 105 25.11 -21.76 -16.80
N VAL A 106 24.89 -22.25 -15.59
CA VAL A 106 25.94 -22.37 -14.59
C VAL A 106 26.22 -23.85 -14.37
N THR A 107 27.49 -24.19 -14.16
CA THR A 107 27.89 -25.59 -14.05
C THR A 107 28.90 -25.75 -12.91
N THR A 108 28.54 -26.53 -11.90
CA THR A 108 29.37 -26.68 -10.72
C THR A 108 30.42 -27.78 -10.92
N ASN A 109 31.66 -27.45 -10.59
CA ASN A 109 32.75 -28.41 -10.65
C ASN A 109 33.77 -28.08 -9.56
N ASP A 110 33.64 -28.73 -8.41
CA ASP A 110 34.51 -28.57 -7.23
C ASP A 110 34.56 -27.13 -6.72
N GLY A 111 33.45 -26.41 -6.81
CA GLY A 111 33.39 -25.04 -6.34
C GLY A 111 34.16 -24.07 -7.23
N VAL A 112 34.34 -24.46 -8.49
CA VAL A 112 35.01 -23.65 -9.50
C VAL A 112 33.93 -23.39 -10.54
N THR A 113 32.71 -23.17 -10.06
CA THR A 113 31.50 -23.03 -10.88
C THR A 113 31.61 -21.95 -11.94
N THR A 114 31.59 -22.36 -13.21
CA THR A 114 31.67 -21.42 -14.31
C THR A 114 30.27 -21.11 -14.81
N ILE A 115 30.07 -19.88 -15.27
CA ILE A 115 28.81 -19.47 -15.86
C ILE A 115 29.03 -19.28 -17.34
N ALA A 116 28.32 -20.07 -18.15
CA ALA A 116 28.40 -19.98 -19.59
C ALA A 116 27.15 -19.29 -20.11
N ASN A 117 26.97 -19.28 -21.43
CA ASN A 117 25.94 -18.44 -22.04
C ASN A 117 25.16 -19.28 -23.05
N ASN A 118 23.93 -19.64 -22.71
CA ASN A 118 23.06 -20.35 -23.65
C ASN A 118 22.51 -19.36 -24.67
N LEU A 119 22.93 -19.49 -25.91
CA LEU A 119 22.38 -18.62 -26.94
C LEU A 119 21.03 -19.11 -27.45
N THR A 120 20.70 -20.37 -27.21
CA THR A 120 19.49 -20.97 -27.77
C THR A 120 18.37 -21.17 -26.75
N SER A 121 18.63 -20.95 -25.47
CA SER A 121 17.59 -21.15 -24.48
C SER A 121 16.62 -19.99 -24.50
N THR A 122 15.37 -20.29 -24.15
CA THR A 122 14.27 -19.35 -24.25
C THR A 122 13.75 -19.02 -22.86
N VAL A 123 12.90 -18.00 -22.82
CA VAL A 123 12.28 -17.48 -21.60
C VAL A 123 10.82 -17.18 -21.93
N GLN A 124 9.90 -17.73 -21.15
CA GLN A 124 8.48 -17.63 -21.43
C GLN A 124 7.88 -16.47 -20.64
N VAL A 125 7.27 -15.51 -21.35
CA VAL A 125 6.71 -14.33 -20.70
C VAL A 125 5.27 -14.16 -21.16
N PHE A 126 4.34 -14.03 -20.21
CA PHE A 126 2.99 -13.64 -20.57
C PHE A 126 2.47 -12.64 -19.55
N SER A 127 1.57 -11.78 -20.00
CA SER A 127 0.85 -10.86 -19.14
C SER A 127 -0.60 -11.30 -19.05
N ASP A 128 -1.08 -11.52 -17.84
CA ASP A 128 -2.43 -12.03 -17.62
C ASP A 128 -3.41 -10.88 -17.67
N SER A 129 -3.73 -10.46 -18.89
CA SER A 129 -4.59 -9.32 -19.16
C SER A 129 -6.07 -9.65 -19.08
N GLU A 130 -6.42 -10.86 -18.65
CA GLU A 130 -7.82 -11.21 -18.45
C GLU A 130 -8.14 -11.52 -16.99
N TYR A 131 -7.16 -11.43 -16.10
CA TYR A 131 -7.32 -11.43 -14.65
C TYR A 131 -7.93 -12.74 -14.14
N GLN A 132 -7.43 -13.85 -14.67
CA GLN A 132 -7.98 -15.16 -14.36
C GLN A 132 -7.02 -16.04 -13.59
N LEU A 133 -5.95 -15.47 -13.02
CA LEU A 133 -5.05 -15.99 -12.01
C LEU A 133 -5.24 -15.21 -10.71
N PRO A 134 -4.91 -15.80 -9.55
CA PRO A 134 -4.96 -15.03 -8.31
C PRO A 134 -4.00 -13.86 -8.29
N TYR A 135 -4.53 -12.68 -7.99
CA TYR A 135 -3.78 -11.43 -8.12
C TYR A 135 -3.00 -11.21 -6.84
N VAL A 136 -1.78 -11.78 -6.79
CA VAL A 136 -0.91 -11.68 -5.64
C VAL A 136 -0.31 -10.28 -5.50
N LEU A 137 -0.33 -9.47 -6.55
CA LEU A 137 0.08 -8.07 -6.43
C LEU A 137 -0.95 -7.30 -5.62
N GLY A 138 -0.60 -6.08 -5.25
CA GLY A 138 -1.48 -5.30 -4.42
C GLY A 138 -1.53 -5.86 -3.02
N SER A 139 -0.42 -6.45 -2.58
CA SER A 139 -0.32 -7.00 -1.25
C SER A 139 0.92 -6.55 -0.50
N ALA A 140 1.62 -5.52 -0.98
CA ALA A 140 2.80 -4.91 -0.37
C ALA A 140 3.94 -5.88 -0.14
N HIS A 141 4.30 -6.63 -1.17
CA HIS A 141 5.39 -7.60 -1.06
C HIS A 141 6.71 -6.99 -1.49
N GLN A 142 7.78 -7.69 -1.14
CA GLN A 142 9.10 -7.34 -1.61
C GLN A 142 9.28 -7.80 -3.05
N GLY A 143 10.45 -7.49 -3.61
CA GLY A 143 10.77 -7.88 -4.94
C GLY A 143 10.21 -6.99 -6.02
N CYS A 144 10.03 -5.71 -5.75
CA CYS A 144 9.69 -4.74 -6.76
C CYS A 144 10.95 -4.31 -7.50
N LEU A 145 10.80 -3.34 -8.39
CA LEU A 145 11.96 -2.64 -8.89
C LEU A 145 12.61 -1.91 -7.72
N PRO A 146 13.94 -1.82 -7.67
CA PRO A 146 14.59 -1.10 -6.59
C PRO A 146 14.34 0.38 -6.70
N PRO A 147 14.50 1.15 -5.62
CA PRO A 147 14.26 2.59 -5.70
C PRO A 147 15.32 3.28 -6.56
N PHE A 148 16.54 2.82 -6.43
CA PHE A 148 17.68 3.41 -7.08
C PHE A 148 17.93 2.71 -8.40
N PRO A 149 18.11 3.44 -9.50
CA PRO A 149 18.13 2.80 -10.83
C PRO A 149 19.36 1.95 -11.10
N ALA A 150 20.42 2.08 -10.31
CA ALA A 150 21.65 1.34 -10.52
C ALA A 150 21.73 0.10 -9.64
N ASP A 151 20.60 -0.52 -9.35
CA ASP A 151 20.57 -1.74 -8.57
C ASP A 151 19.98 -2.86 -9.41
N VAL A 152 20.52 -4.07 -9.21
CA VAL A 152 20.04 -5.26 -9.88
C VAL A 152 19.18 -6.02 -8.88
N PHE A 153 17.95 -6.33 -9.26
CA PHE A 153 17.05 -7.00 -8.35
C PHE A 153 16.79 -8.42 -8.84
N MET A 154 16.15 -9.19 -7.97
CA MET A 154 15.84 -10.59 -8.20
C MET A 154 14.33 -10.71 -8.25
N ILE A 155 13.83 -11.39 -9.28
CA ILE A 155 12.39 -11.51 -9.51
C ILE A 155 11.80 -12.46 -8.47
N PRO A 156 10.67 -12.11 -7.83
CA PRO A 156 10.09 -13.00 -6.82
C PRO A 156 9.51 -14.26 -7.43
N GLN A 157 9.08 -15.16 -6.56
CA GLN A 157 8.44 -16.39 -7.01
C GLN A 157 6.93 -16.24 -6.91
N TYR A 158 6.23 -16.63 -7.97
CA TYR A 158 4.78 -16.59 -7.95
C TYR A 158 4.25 -17.79 -7.21
N GLY A 159 3.35 -17.54 -6.28
CA GLY A 159 2.70 -18.59 -5.52
C GLY A 159 1.44 -18.05 -4.90
N TYR A 160 0.35 -18.77 -5.07
CA TYR A 160 -0.98 -18.29 -4.69
C TYR A 160 -1.57 -19.16 -3.59
N LEU A 161 -2.60 -18.62 -2.95
CA LEU A 161 -3.37 -19.31 -1.94
C LEU A 161 -4.81 -19.45 -2.41
N THR A 162 -5.45 -20.54 -1.99
CA THR A 162 -6.84 -20.80 -2.30
C THR A 162 -7.54 -21.24 -1.02
N LEU A 163 -8.76 -21.77 -1.18
CA LEU A 163 -9.63 -22.03 -0.04
C LEU A 163 -9.09 -23.16 0.81
N ASN A 164 -9.33 -23.06 2.12
CA ASN A 164 -8.66 -23.94 3.08
C ASN A 164 -9.61 -24.23 4.26
N ASN A 165 -9.90 -25.51 4.44
CA ASN A 165 -10.61 -25.94 5.65
C ASN A 165 -9.57 -26.19 6.74
N GLY A 166 -8.97 -25.12 7.23
CA GLY A 166 -7.80 -25.28 8.08
C GLY A 166 -6.55 -25.37 7.24
N SER A 167 -5.85 -26.49 7.32
CA SER A 167 -4.66 -26.74 6.52
C SER A 167 -4.94 -27.69 5.36
N GLN A 168 -6.20 -27.97 5.08
CA GLN A 168 -6.60 -28.89 4.03
C GLN A 168 -7.38 -28.15 2.97
N ALA A 169 -7.46 -28.74 1.80
CA ALA A 169 -8.22 -28.13 0.72
C ALA A 169 -9.70 -28.47 0.87
N VAL A 170 -10.52 -27.61 0.30
CA VAL A 170 -11.95 -27.84 0.09
C VAL A 170 -12.10 -28.15 -1.39
N GLY A 171 -13.20 -28.80 -1.78
CA GLY A 171 -13.46 -29.12 -3.17
C GLY A 171 -13.54 -27.97 -4.15
N ARG A 172 -13.69 -26.74 -3.63
CA ARG A 172 -13.70 -25.54 -4.45
C ARG A 172 -12.35 -24.81 -4.45
N SER A 173 -11.29 -25.45 -3.95
CA SER A 173 -9.95 -24.87 -4.00
C SER A 173 -9.43 -24.99 -5.43
N SER A 174 -9.15 -23.87 -6.06
CA SER A 174 -8.73 -23.89 -7.45
C SER A 174 -7.25 -24.21 -7.57
N PHE A 175 -6.89 -24.76 -8.71
CA PHE A 175 -5.50 -25.05 -9.06
C PHE A 175 -5.23 -24.49 -10.43
N TYR A 176 -4.11 -23.79 -10.58
CA TYR A 176 -3.79 -23.08 -11.80
C TYR A 176 -2.44 -23.54 -12.32
N CYS A 177 -2.45 -24.26 -13.44
CA CYS A 177 -1.24 -24.53 -14.19
C CYS A 177 -0.98 -23.35 -15.12
N LEU A 178 0.18 -22.73 -14.98
CA LEU A 178 0.48 -21.50 -15.72
C LEU A 178 1.10 -21.77 -17.08
N GLU A 179 1.40 -23.02 -17.41
CA GLU A 179 1.72 -23.40 -18.76
C GLU A 179 0.48 -23.71 -19.58
N TYR A 180 -0.70 -23.51 -19.01
CA TYR A 180 -1.96 -23.54 -19.72
C TYR A 180 -2.39 -22.13 -20.12
N PHE A 181 -1.43 -21.21 -20.17
CA PHE A 181 -1.59 -19.85 -20.64
C PHE A 181 -0.66 -19.66 -21.82
N PRO A 182 -1.10 -19.00 -22.89
CA PRO A 182 -0.21 -18.71 -24.01
C PRO A 182 0.91 -17.76 -23.66
N SER A 183 2.14 -18.26 -23.67
CA SER A 183 3.32 -17.48 -23.32
C SER A 183 3.95 -16.94 -24.59
N GLN A 184 5.06 -16.24 -24.43
CA GLN A 184 5.88 -15.78 -25.55
C GLN A 184 7.30 -16.21 -25.25
N MET A 185 7.76 -17.25 -25.92
CA MET A 185 9.10 -17.76 -25.68
C MET A 185 10.13 -16.80 -26.29
N LEU A 186 10.98 -16.24 -25.43
CA LEU A 186 11.90 -15.17 -25.82
C LEU A 186 13.32 -15.69 -25.76
N ARG A 187 13.86 -16.05 -26.91
CA ARG A 187 15.28 -16.30 -27.07
C ARG A 187 15.99 -14.94 -27.08
N THR A 188 17.31 -14.96 -26.89
CA THR A 188 18.12 -13.79 -26.54
C THR A 188 18.04 -12.60 -27.50
N GLY A 189 17.49 -12.79 -28.69
CA GLY A 189 17.34 -11.70 -29.61
C GLY A 189 15.96 -11.08 -29.63
N ASN A 190 15.05 -11.58 -28.80
CA ASN A 190 13.66 -11.16 -28.81
C ASN A 190 13.37 -10.30 -27.59
N ASN A 191 12.24 -9.58 -27.65
CA ASN A 191 11.82 -8.71 -26.57
C ASN A 191 10.33 -8.84 -26.30
N PHE A 192 9.89 -8.43 -25.12
CA PHE A 192 8.51 -8.43 -24.72
C PHE A 192 8.04 -7.00 -24.46
N THR A 193 6.98 -6.59 -25.14
CA THR A 193 6.37 -5.30 -24.92
C THR A 193 4.88 -5.50 -24.79
N PHE A 194 4.24 -4.76 -23.88
CA PHE A 194 2.81 -4.57 -23.97
C PHE A 194 2.45 -3.23 -23.36
N SER A 195 1.25 -2.75 -23.66
CA SER A 195 0.76 -1.46 -23.20
C SER A 195 -0.53 -1.65 -22.42
N TYR A 196 -0.77 -0.73 -21.49
CA TYR A 196 -1.92 -0.80 -20.60
C TYR A 196 -2.46 0.60 -20.39
N THR A 197 -3.78 0.72 -20.37
CA THR A 197 -4.46 1.98 -20.10
C THR A 197 -5.30 1.84 -18.84
N PHE A 198 -5.03 2.69 -17.86
CA PHE A 198 -5.78 2.71 -16.62
C PHE A 198 -7.19 3.22 -16.85
N GLU A 199 -8.14 2.63 -16.13
CA GLU A 199 -9.51 3.12 -16.20
C GLU A 199 -9.64 4.33 -15.32
N GLU A 200 -10.80 4.99 -15.42
CA GLU A 200 -11.04 6.24 -14.68
C GLU A 200 -11.10 6.01 -13.19
N VAL A 201 -10.08 6.48 -12.49
CA VAL A 201 -9.96 6.38 -11.04
C VAL A 201 -9.95 7.83 -10.57
N PRO A 202 -10.47 8.17 -9.39
CA PRO A 202 -10.37 9.56 -8.93
C PRO A 202 -8.94 9.96 -8.60
N PHE A 203 -8.67 11.26 -8.68
CA PHE A 203 -7.39 11.81 -8.29
C PHE A 203 -7.12 11.56 -6.81
N HIS A 204 -5.88 11.27 -6.50
CA HIS A 204 -5.48 11.14 -5.11
C HIS A 204 -5.44 12.53 -4.50
N SER A 205 -6.06 12.69 -3.34
CA SER A 205 -6.06 13.98 -2.68
C SER A 205 -4.69 14.27 -2.10
N SER A 206 -3.84 14.94 -2.87
CA SER A 206 -2.49 15.26 -2.43
C SER A 206 -2.45 16.64 -1.78
N TYR A 207 -3.35 16.82 -0.83
CA TYR A 207 -3.50 18.08 -0.12
C TYR A 207 -4.00 17.80 1.28
N ALA A 208 -3.69 18.70 2.19
CA ALA A 208 -4.37 18.76 3.47
C ALA A 208 -5.46 19.80 3.39
N HIS A 209 -6.41 19.74 4.32
CA HIS A 209 -7.43 20.78 4.38
C HIS A 209 -6.94 21.93 5.23
N SER A 210 -7.24 23.15 4.80
CA SER A 210 -6.88 24.36 5.52
C SER A 210 -7.96 24.78 6.50
N GLN A 211 -8.87 23.87 6.82
CA GLN A 211 -10.07 24.20 7.58
C GLN A 211 -10.68 22.93 8.14
N SER A 212 -11.07 22.95 9.42
CA SER A 212 -11.64 21.76 10.04
C SER A 212 -13.08 21.55 9.58
N LEU A 213 -13.64 20.36 9.83
CA LEU A 213 -15.02 20.08 9.50
C LEU A 213 -15.99 20.65 10.50
N ASP A 214 -15.64 20.72 11.78
CA ASP A 214 -16.49 21.30 12.79
C ASP A 214 -16.28 22.80 12.94
N ARG A 215 -15.55 23.41 12.02
CA ARG A 215 -15.26 24.84 12.02
C ARG A 215 -15.51 25.42 10.65
N LEU A 216 -16.66 25.11 10.06
CA LEU A 216 -17.01 25.57 8.72
C LEU A 216 -17.95 26.77 8.75
N MET A 217 -18.04 27.46 9.87
CA MET A 217 -19.00 28.52 10.05
C MET A 217 -18.32 29.89 9.95
N ASN A 218 -19.15 30.93 9.93
CA ASN A 218 -18.69 32.30 10.07
C ASN A 218 -18.49 32.59 11.54
N PRO A 219 -17.28 32.91 12.01
CA PRO A 219 -17.07 33.17 13.44
C PRO A 219 -17.61 34.51 13.91
N LEU A 220 -18.23 35.30 13.04
CA LEU A 220 -18.73 36.62 13.38
C LEU A 220 -20.24 36.69 13.44
N ILE A 221 -20.92 35.76 12.79
CA ILE A 221 -22.37 35.78 12.63
C ILE A 221 -22.97 34.60 13.36
N ASP A 222 -24.05 34.85 14.10
CA ASP A 222 -24.78 33.76 14.74
C ASP A 222 -25.77 33.16 13.75
N GLN A 223 -26.64 32.28 14.23
CA GLN A 223 -27.54 31.56 13.34
C GLN A 223 -28.98 31.89 13.67
N TYR A 224 -29.88 31.34 12.86
CA TYR A 224 -31.30 31.41 13.13
C TYR A 224 -31.84 30.14 13.78
N LEU A 225 -31.03 29.09 13.84
CA LEU A 225 -31.41 27.83 14.45
C LEU A 225 -31.06 27.86 15.93
N TYR A 226 -31.92 27.26 16.75
CA TYR A 226 -31.68 27.23 18.18
C TYR A 226 -31.34 25.81 18.63
N TYR A 227 -30.76 25.71 19.81
CA TYR A 227 -30.51 24.44 20.44
C TYR A 227 -30.94 24.51 21.89
N LEU A 228 -31.22 23.36 22.49
CA LEU A 228 -31.51 23.31 23.91
C LEU A 228 -30.25 23.57 24.71
N ASN A 229 -30.29 24.60 25.55
CA ASN A 229 -29.11 25.03 26.29
C ASN A 229 -29.14 24.56 27.74
N ARG A 230 -30.21 24.83 28.46
CA ARG A 230 -30.27 24.44 29.86
C ARG A 230 -31.49 23.58 30.13
N THR A 231 -31.32 22.52 30.92
CA THR A 231 -32.42 21.70 31.39
C THR A 231 -32.66 21.95 32.88
N GLN A 232 -32.12 23.05 33.40
CA GLN A 232 -32.17 23.39 34.80
C GLN A 232 -31.89 24.87 34.94
N ASN A 233 -32.64 25.53 35.83
CA ASN A 233 -32.50 26.96 36.04
C ASN A 233 -31.31 27.26 36.93
N GLN A 234 -30.74 28.46 36.77
CA GLN A 234 -29.70 28.98 37.64
C GLN A 234 -30.25 29.74 38.84
N SER A 235 -31.54 29.59 39.11
CA SER A 235 -32.17 30.22 40.26
C SER A 235 -31.72 29.62 41.58
N GLY A 236 -31.20 28.39 41.57
CA GLY A 236 -30.54 27.68 42.65
C GLY A 236 -31.46 27.40 43.84
N SER A 237 -32.77 27.55 43.69
CA SER A 237 -33.70 27.34 44.80
C SER A 237 -33.87 25.85 45.06
N ALA A 238 -33.97 25.07 43.99
CA ALA A 238 -34.25 23.65 44.08
C ALA A 238 -33.88 22.99 42.75
N GLN A 239 -34.36 21.77 42.54
CA GLN A 239 -34.27 21.15 41.21
C GLN A 239 -35.26 21.83 40.26
N ASN A 240 -34.87 23.00 39.76
CA ASN A 240 -35.77 23.77 38.92
C ASN A 240 -35.60 23.35 37.46
N LYS A 241 -36.25 22.25 37.10
CA LYS A 241 -36.18 21.74 35.74
C LYS A 241 -36.94 22.66 34.79
N ASP A 242 -36.20 23.27 33.86
CA ASP A 242 -36.78 24.13 32.84
C ASP A 242 -35.98 24.07 31.54
N LEU A 243 -36.67 23.95 30.41
CA LEU A 243 -36.04 23.85 29.12
C LEU A 243 -35.69 25.25 28.60
N LEU A 244 -34.41 25.59 28.58
CA LEU A 244 -33.95 26.90 28.14
C LEU A 244 -33.26 26.74 26.80
N PHE A 245 -33.83 27.34 25.78
CA PHE A 245 -33.25 27.31 24.44
C PHE A 245 -32.43 28.57 24.23
N SER A 246 -31.47 28.49 23.31
CA SER A 246 -30.58 29.61 23.08
C SER A 246 -30.27 29.70 21.60
N ARG A 247 -30.25 30.93 21.06
CA ARG A 247 -29.80 31.18 19.71
C ARG A 247 -28.34 30.82 19.64
N GLY A 248 -27.90 30.21 18.56
CA GLY A 248 -26.57 29.69 18.67
C GLY A 248 -25.61 29.73 17.51
N SER A 249 -24.30 29.85 17.74
CA SER A 249 -23.61 30.48 18.88
C SER A 249 -22.23 30.79 18.34
N PRO A 250 -21.89 32.06 18.13
CA PRO A 250 -20.51 32.37 17.76
C PRO A 250 -19.52 32.12 18.88
N ALA A 251 -19.94 32.28 20.14
CA ALA A 251 -19.08 32.08 21.30
C ALA A 251 -19.02 30.63 21.74
N GLY A 252 -19.92 29.78 21.26
CA GLY A 252 -19.74 28.35 21.45
C GLY A 252 -19.96 27.60 20.16
N MET A 253 -18.88 27.05 19.61
CA MET A 253 -18.97 26.42 18.30
C MET A 253 -19.17 24.93 18.37
N SER A 254 -19.02 24.34 19.56
CA SER A 254 -19.24 22.91 19.71
C SER A 254 -20.73 22.57 19.71
N VAL A 255 -21.59 23.56 19.98
CA VAL A 255 -23.01 23.29 20.15
C VAL A 255 -23.86 23.88 19.02
N GLN A 256 -23.26 24.42 17.97
CA GLN A 256 -24.05 24.88 16.85
C GLN A 256 -24.63 23.69 16.09
N PRO A 257 -25.77 23.85 15.43
CA PRO A 257 -26.17 22.85 14.43
C PRO A 257 -25.18 22.82 13.28
N LYS A 258 -24.68 21.64 13.01
CA LYS A 258 -23.73 21.42 11.93
C LYS A 258 -24.49 20.89 10.72
N ASN A 259 -23.76 20.48 9.70
CA ASN A 259 -24.39 20.02 8.48
C ASN A 259 -23.80 18.71 7.98
N TRP A 260 -22.62 18.32 8.44
CA TRP A 260 -21.97 17.10 8.00
C TRP A 260 -21.41 16.39 9.22
N LEU A 261 -20.83 15.23 8.99
CA LEU A 261 -20.29 14.37 10.04
C LEU A 261 -18.88 13.95 9.67
N PRO A 262 -18.02 13.73 10.67
CA PRO A 262 -16.71 13.14 10.38
C PRO A 262 -16.85 11.68 9.99
N GLY A 263 -15.81 11.16 9.35
CA GLY A 263 -15.84 9.86 8.72
C GLY A 263 -15.97 8.68 9.66
N PRO A 264 -15.96 7.47 9.09
CA PRO A 264 -16.12 6.26 9.91
C PRO A 264 -14.97 6.01 10.87
N CYS A 265 -15.15 5.08 11.79
CA CYS A 265 -14.12 4.82 12.77
C CYS A 265 -14.07 3.35 13.15
N TYR A 266 -12.90 2.90 13.58
CA TYR A 266 -12.71 1.58 14.15
C TYR A 266 -11.47 1.68 15.01
N ARG A 267 -11.63 1.77 16.34
CA ARG A 267 -10.55 2.23 17.21
C ARG A 267 -9.38 1.26 17.26
N GLN A 268 -8.18 1.84 17.36
CA GLN A 268 -6.93 1.18 17.61
C GLN A 268 -6.56 1.42 19.07
N GLN A 269 -5.32 1.12 19.45
CA GLN A 269 -4.88 1.22 20.84
C GLN A 269 -3.65 2.10 20.93
N ARG A 270 -3.56 2.89 22.00
CA ARG A 270 -2.40 3.73 22.28
C ARG A 270 -1.16 2.88 22.47
N VAL A 271 -0.20 3.05 21.58
CA VAL A 271 1.15 2.58 21.83
C VAL A 271 2.05 3.81 21.72
N SER A 272 2.65 4.20 22.84
CA SER A 272 3.59 5.31 22.80
C SER A 272 4.92 4.83 22.24
N LYS A 273 5.67 5.77 21.67
CA LYS A 273 7.02 5.49 21.23
C LYS A 273 8.01 5.48 22.38
N THR A 274 7.61 5.91 23.56
CA THR A 274 8.41 5.77 24.78
C THR A 274 7.91 4.51 25.47
N LYS A 275 8.82 3.56 25.69
CA LYS A 275 8.53 2.24 26.24
C LYS A 275 7.93 2.31 27.64
N THR A 276 8.32 3.33 28.41
CA THR A 276 7.82 3.46 29.76
C THR A 276 6.37 3.91 29.81
N ASP A 277 5.89 4.57 28.76
CA ASP A 277 4.48 4.98 28.69
C ASP A 277 3.65 3.94 27.97
N ASN A 278 3.77 2.68 28.39
CA ASN A 278 3.03 1.57 27.82
C ASN A 278 2.73 0.57 28.92
N ASN A 279 1.74 -0.28 28.68
CA ASN A 279 1.42 -1.36 29.60
C ASN A 279 2.46 -2.45 29.46
N ASN A 280 2.84 -3.04 30.59
CA ASN A 280 3.86 -4.09 30.61
C ASN A 280 3.23 -5.44 30.25
N SER A 281 2.90 -5.59 28.97
CA SER A 281 2.31 -6.82 28.47
C SER A 281 2.50 -6.98 26.97
N ASN A 282 1.97 -8.05 26.41
CA ASN A 282 1.95 -8.27 24.97
C ASN A 282 0.58 -8.86 24.62
N PHE A 283 -0.54 -8.11 24.40
CA PHE A 283 -0.93 -6.67 24.21
C PHE A 283 -0.70 -6.24 22.74
N THR A 284 -0.06 -7.06 21.93
CA THR A 284 -0.07 -6.78 20.49
C THR A 284 -0.96 -7.74 19.71
N TRP A 285 -1.53 -8.73 20.37
CA TRP A 285 -2.51 -9.60 19.74
C TRP A 285 -3.78 -9.66 20.57
N THR A 286 -3.63 -9.61 21.89
CA THR A 286 -4.79 -9.68 22.77
C THR A 286 -5.55 -8.36 22.79
N GLY A 287 -4.88 -7.25 22.56
CA GLY A 287 -5.52 -5.96 22.65
C GLY A 287 -5.46 -5.19 21.35
N ALA A 288 -5.56 -5.88 20.23
CA ALA A 288 -5.53 -5.26 18.92
C ALA A 288 -6.89 -5.42 18.26
N SER A 289 -7.29 -4.41 17.50
CA SER A 289 -8.55 -4.44 16.76
C SER A 289 -8.40 -5.42 15.62
N LYS A 290 -9.31 -6.38 15.53
CA LYS A 290 -9.21 -7.45 14.56
C LYS A 290 -10.59 -7.85 14.04
N TYR A 291 -10.62 -8.38 12.82
CA TYR A 291 -11.86 -8.84 12.21
C TYR A 291 -11.86 -10.35 12.16
N ASN A 292 -13.06 -10.91 12.12
CA ASN A 292 -13.28 -12.34 12.17
C ASN A 292 -13.86 -12.78 10.84
N LEU A 293 -13.08 -13.54 10.07
CA LEU A 293 -13.48 -14.01 8.75
C LEU A 293 -13.29 -15.51 8.76
N ASN A 294 -14.41 -16.25 8.70
CA ASN A 294 -14.44 -17.73 8.70
C ASN A 294 -13.81 -18.30 9.97
N GLY A 295 -14.23 -17.81 11.14
CA GLY A 295 -13.82 -18.39 12.40
C GLY A 295 -12.41 -18.07 12.85
N ARG A 296 -11.58 -17.49 12.00
CA ARG A 296 -10.20 -17.15 12.32
C ARG A 296 -10.06 -15.63 12.26
N GLU A 297 -9.18 -15.09 13.09
CA GLU A 297 -9.06 -13.65 13.25
C GLU A 297 -7.93 -13.07 12.42
N SER A 298 -7.95 -11.75 12.23
CA SER A 298 -6.90 -11.03 11.51
C SER A 298 -6.90 -9.58 11.94
N ILE A 299 -5.72 -9.03 12.26
CA ILE A 299 -5.62 -7.62 12.63
C ILE A 299 -5.96 -6.77 11.41
N ILE A 300 -6.69 -5.67 11.63
CA ILE A 300 -7.28 -4.84 10.59
C ILE A 300 -6.18 -4.25 9.71
N ASN A 301 -5.35 -3.37 10.30
CA ASN A 301 -3.97 -3.07 9.87
C ASN A 301 -3.79 -2.70 8.41
N PRO A 302 -4.04 -1.44 8.00
CA PRO A 302 -4.32 -0.27 8.82
C PRO A 302 -5.80 -0.06 9.09
N GLY A 303 -6.61 -0.35 8.09
CA GLY A 303 -8.03 -0.17 8.21
C GLY A 303 -8.51 1.19 7.78
N THR A 304 -9.48 1.70 8.55
CA THR A 304 -10.13 2.96 8.23
C THR A 304 -9.14 4.12 8.32
N ALA A 305 -9.12 4.94 7.27
CA ALA A 305 -8.22 6.06 7.20
C ALA A 305 -8.56 7.09 8.27
N MET A 306 -7.72 7.15 9.29
CA MET A 306 -8.00 7.98 10.45
C MET A 306 -6.75 8.71 10.86
N ALA A 307 -6.92 9.79 11.63
CA ALA A 307 -5.79 10.54 12.14
C ALA A 307 -5.04 9.71 13.19
N SER A 308 -3.72 9.80 13.16
CA SER A 308 -2.91 8.93 14.01
C SER A 308 -2.93 9.36 15.47
N HIS A 309 -3.07 10.66 15.73
CA HIS A 309 -2.94 11.17 17.09
C HIS A 309 -3.61 12.53 17.17
N LYS A 310 -3.78 13.00 18.40
CA LYS A 310 -4.44 14.26 18.69
C LYS A 310 -3.41 15.37 18.55
N ASP A 311 -3.79 16.63 18.71
CA ASP A 311 -2.88 17.77 18.56
C ASP A 311 -1.89 17.81 19.71
N ASP A 312 -0.61 18.01 19.36
CA ASP A 312 0.53 18.12 20.29
C ASP A 312 0.65 16.86 21.16
N GLU A 313 0.32 15.72 20.57
CA GLU A 313 0.38 14.45 21.28
C GLU A 313 1.06 13.47 20.33
N ASP A 314 2.21 13.87 19.81
CA ASP A 314 2.88 13.27 18.65
C ASP A 314 3.51 11.93 18.96
N LYS A 315 3.58 11.52 20.23
CA LYS A 315 4.31 10.32 20.58
C LYS A 315 3.48 9.05 20.47
N PHE A 316 2.15 9.17 20.48
CA PHE A 316 1.30 8.00 20.35
C PHE A 316 1.02 7.72 18.90
N PHE A 317 1.15 6.46 18.51
CA PHE A 317 0.73 5.99 17.21
C PHE A 317 -0.28 4.89 17.45
N PRO A 318 -1.26 4.73 16.55
CA PRO A 318 -2.19 3.60 16.66
C PRO A 318 -1.44 2.31 16.38
N MET A 319 -1.77 1.25 17.13
CA MET A 319 -1.04 -0.01 17.15
C MET A 319 -0.93 -0.65 15.78
N SER A 320 -2.03 -0.65 15.03
CA SER A 320 -1.99 -1.11 13.65
C SER A 320 -2.80 -0.16 12.77
N GLY A 321 -2.55 1.13 12.89
CA GLY A 321 -3.31 2.07 12.08
C GLY A 321 -2.42 2.89 11.18
N VAL A 322 -1.13 2.59 11.19
CA VAL A 322 -0.14 3.34 10.43
C VAL A 322 0.60 2.40 9.49
N MET A 323 1.04 2.93 8.35
CA MET A 323 2.03 2.25 7.54
C MET A 323 3.39 2.37 8.20
N ILE A 324 4.07 1.25 8.39
CA ILE A 324 5.39 1.23 9.02
C ILE A 324 6.35 0.64 7.99
N PHE A 325 7.22 1.47 7.46
CA PHE A 325 8.20 1.01 6.48
C PHE A 325 9.47 0.59 7.20
N GLY A 326 10.50 0.25 6.45
CA GLY A 326 11.73 -0.19 7.06
C GLY A 326 12.94 0.50 6.51
N LYS A 327 13.82 0.94 7.40
CA LYS A 327 15.14 1.37 6.99
C LYS A 327 16.02 0.16 6.76
N GLU A 328 17.22 0.39 6.25
CA GLU A 328 18.15 -0.73 6.15
C GLU A 328 18.73 -1.02 7.53
N SER A 329 19.40 -2.17 7.65
CA SER A 329 19.81 -2.81 8.90
C SER A 329 18.61 -3.10 9.78
N ALA A 330 17.45 -3.31 9.18
CA ALA A 330 16.28 -3.79 9.91
C ALA A 330 16.13 -5.28 9.67
N GLY A 331 15.81 -6.02 10.71
CA GLY A 331 15.59 -7.45 10.57
C GLY A 331 14.21 -7.75 10.01
N ALA A 332 13.84 -9.03 9.99
CA ALA A 332 12.54 -9.44 9.50
C ALA A 332 11.61 -9.83 10.65
N SER A 333 12.12 -9.83 11.87
CA SER A 333 11.31 -10.18 13.04
C SER A 333 11.86 -9.52 14.29
N ASN A 334 11.00 -8.81 15.01
CA ASN A 334 11.29 -8.15 16.28
C ASN A 334 12.46 -7.16 16.14
N THR A 335 12.27 -6.21 15.26
CA THR A 335 13.26 -5.17 15.02
C THR A 335 13.02 -4.07 16.05
N ALA A 336 13.98 -3.18 16.26
CA ALA A 336 13.85 -2.10 17.23
C ALA A 336 13.12 -0.93 16.58
N LEU A 337 12.78 0.06 17.41
CA LEU A 337 12.07 1.24 16.94
C LEU A 337 12.95 2.11 16.07
N ASP A 338 14.26 2.04 16.23
CA ASP A 338 15.18 2.91 15.51
C ASP A 338 15.39 2.47 14.07
N ASN A 339 14.88 1.31 13.69
CA ASN A 339 15.11 0.77 12.36
C ASN A 339 13.88 0.86 11.46
N VAL A 340 12.76 1.34 11.98
CA VAL A 340 11.53 1.42 11.21
C VAL A 340 11.21 2.89 10.93
N MET A 341 10.28 3.11 10.03
CA MET A 341 9.80 4.45 9.67
C MET A 341 8.29 4.46 9.85
N ILE A 342 7.83 4.89 11.01
CA ILE A 342 6.40 4.91 11.30
C ILE A 342 5.81 6.17 10.69
N THR A 343 4.88 6.01 9.77
CA THR A 343 4.24 7.17 9.15
C THR A 343 3.21 7.79 10.08
N ASP A 344 3.04 9.10 9.93
CA ASP A 344 1.99 9.84 10.61
C ASP A 344 0.91 10.20 9.60
N GLU A 345 -0.34 10.18 10.05
CA GLU A 345 -1.49 10.37 9.17
C GLU A 345 -2.37 11.47 9.78
N GLU A 346 -1.70 12.51 10.27
CA GLU A 346 -2.38 13.56 11.02
C GLU A 346 -2.78 14.76 10.19
N GLU A 347 -2.50 14.76 8.89
CA GLU A 347 -2.96 15.85 8.04
C GLU A 347 -4.44 15.74 7.72
N ILE A 348 -5.04 14.56 7.89
CA ILE A 348 -6.46 14.36 7.67
C ILE A 348 -7.26 14.49 8.95
N LYS A 349 -6.69 15.10 9.99
CA LYS A 349 -7.38 15.31 11.25
C LYS A 349 -8.59 16.22 11.11
N ALA A 350 -8.62 17.06 10.08
CA ALA A 350 -9.71 17.99 9.84
C ALA A 350 -11.03 17.29 9.53
N THR A 351 -11.01 16.15 8.84
CA THR A 351 -12.22 15.42 8.49
C THR A 351 -12.35 14.09 9.21
N ASN A 352 -11.29 13.44 9.45
CA ASN A 352 -11.25 12.09 9.99
C ASN A 352 -11.02 12.07 11.49
N PRO A 353 -11.59 11.09 12.18
CA PRO A 353 -11.35 10.96 13.61
C PRO A 353 -9.94 10.51 13.91
N VAL A 354 -9.52 10.74 15.15
CA VAL A 354 -8.30 10.13 15.66
C VAL A 354 -8.51 8.63 15.74
N ALA A 355 -7.54 7.86 15.25
CA ALA A 355 -7.67 6.41 15.17
C ALA A 355 -7.72 5.77 16.55
N THR A 356 -7.23 6.48 17.55
CA THR A 356 -7.01 5.92 18.87
C THR A 356 -8.04 6.40 19.86
N GLU A 357 -9.15 6.94 19.36
CA GLU A 357 -10.16 7.53 20.23
C GLU A 357 -11.50 7.50 19.51
N ARG A 358 -12.57 7.29 20.27
CA ARG A 358 -13.97 7.18 19.88
C ARG A 358 -14.45 8.24 18.89
N PHE A 359 -15.52 7.93 18.15
CA PHE A 359 -16.12 8.91 17.26
C PHE A 359 -17.31 9.57 17.99
N GLY A 360 -17.14 9.85 19.28
CA GLY A 360 -18.21 10.46 20.06
C GLY A 360 -19.00 9.45 20.86
N THR A 361 -20.02 9.97 21.51
CA THR A 361 -20.88 9.21 22.40
C THR A 361 -22.33 9.33 21.92
N VAL A 362 -23.13 8.31 22.24
CA VAL A 362 -24.54 8.31 21.94
C VAL A 362 -25.31 8.08 23.23
N ALA A 363 -26.64 8.26 23.15
CA ALA A 363 -27.50 8.01 24.28
C ALA A 363 -27.76 6.51 24.42
N VAL A 364 -28.09 6.11 25.65
CA VAL A 364 -28.32 4.70 25.97
C VAL A 364 -29.77 4.47 26.37
N ASN A 365 -30.32 5.36 27.19
CA ASN A 365 -31.59 5.09 27.85
C ASN A 365 -32.52 6.27 27.67
N PHE A 366 -33.62 6.25 28.42
CA PHE A 366 -34.64 7.30 28.41
C PHE A 366 -34.52 8.06 29.72
N GLN A 367 -34.23 9.35 29.63
CA GLN A 367 -34.09 10.18 30.82
C GLN A 367 -35.47 10.53 31.35
N SER A 368 -35.59 10.59 32.67
CA SER A 368 -36.86 10.92 33.31
C SER A 368 -36.58 11.62 34.64
N SER A 369 -37.60 11.69 35.48
CA SER A 369 -37.46 12.25 36.82
C SER A 369 -36.69 11.31 37.72
N SER A 370 -36.57 10.04 37.33
CA SER A 370 -35.86 9.05 38.10
C SER A 370 -34.56 8.62 37.41
N THR A 371 -34.66 8.15 36.17
CA THR A 371 -33.48 7.66 35.45
C THR A 371 -32.65 8.81 34.92
N ASP A 372 -31.47 9.04 35.50
CA ASP A 372 -30.55 10.06 35.04
C ASP A 372 -30.00 9.68 33.67
N PRO A 373 -29.75 10.65 32.77
CA PRO A 373 -29.42 10.30 31.38
C PRO A 373 -28.04 9.71 31.20
N ALA A 374 -27.99 8.41 30.94
CA ALA A 374 -26.73 7.73 30.70
C ALA A 374 -26.38 7.78 29.22
N THR A 375 -25.08 7.89 28.95
CA THR A 375 -24.57 7.83 27.59
C THR A 375 -23.64 6.64 27.46
N GLY A 376 -23.40 6.24 26.22
CA GLY A 376 -22.52 5.13 25.93
C GLY A 376 -21.26 5.64 25.27
N ASP A 377 -20.53 4.76 24.61
CA ASP A 377 -19.29 5.15 23.96
C ASP A 377 -19.22 4.39 22.64
N VAL A 378 -19.31 5.11 21.53
CA VAL A 378 -19.23 4.50 20.21
C VAL A 378 -17.75 4.28 19.93
N HIS A 379 -17.37 3.04 19.63
CA HIS A 379 -15.98 2.76 19.31
C HIS A 379 -15.80 2.52 17.82
N ALA A 380 -16.56 1.58 17.28
CA ALA A 380 -16.62 1.37 15.84
C ALA A 380 -17.81 2.12 15.29
N MET A 381 -17.63 2.74 14.14
CA MET A 381 -18.74 3.45 13.50
C MET A 381 -18.69 3.17 12.02
N GLY A 382 -19.81 2.70 11.48
CA GLY A 382 -19.92 2.50 10.05
C GLY A 382 -20.26 3.78 9.32
N ALA A 383 -20.92 3.67 8.18
CA ALA A 383 -21.22 4.83 7.35
C ALA A 383 -22.63 5.30 7.66
N LEU A 384 -22.76 6.54 8.10
CA LEU A 384 -24.01 7.25 8.19
C LEU A 384 -24.18 8.12 6.96
N PRO A 385 -25.40 8.50 6.61
CA PRO A 385 -25.57 9.53 5.59
C PRO A 385 -25.07 10.88 6.10
N GLY A 386 -24.60 11.72 5.19
CA GLY A 386 -24.06 13.01 5.59
C GLY A 386 -22.70 12.94 6.23
N MET A 387 -21.83 12.06 5.74
CA MET A 387 -20.56 11.75 6.37
C MET A 387 -19.44 11.85 5.35
N VAL A 388 -18.43 12.67 5.65
CA VAL A 388 -17.31 12.90 4.75
C VAL A 388 -16.03 12.46 5.44
N TRP A 389 -15.05 12.10 4.62
CA TRP A 389 -13.76 11.65 5.13
C TRP A 389 -12.70 11.87 4.06
N GLN A 390 -11.44 11.64 4.43
CA GLN A 390 -10.31 11.61 3.53
C GLN A 390 -9.64 10.25 3.62
N ASP A 391 -9.16 9.75 2.50
CA ASP A 391 -8.53 8.44 2.47
C ASP A 391 -7.09 8.51 2.96
N ARG A 392 -6.46 7.34 3.01
CA ARG A 392 -5.10 7.24 3.55
C ARG A 392 -4.10 7.81 2.55
N ASP A 393 -3.08 8.47 3.08
CA ASP A 393 -2.03 9.13 2.33
C ASP A 393 -1.16 8.10 1.60
N VAL A 394 -0.72 8.45 0.41
CA VAL A 394 0.26 7.62 -0.30
C VAL A 394 1.65 8.09 0.08
N TYR A 395 2.63 7.22 -0.14
CA TYR A 395 4.01 7.49 0.22
C TYR A 395 4.90 7.11 -0.94
N LEU A 396 6.14 7.58 -0.89
CA LEU A 396 7.10 7.23 -1.94
C LEU A 396 7.46 5.76 -1.88
N GLN A 397 7.42 5.18 -0.69
CA GLN A 397 7.75 3.78 -0.48
C GLN A 397 6.54 2.87 -0.69
N GLY A 398 5.33 3.40 -0.59
CA GLY A 398 4.16 2.58 -0.46
C GLY A 398 3.51 2.28 -1.80
N PRO A 399 2.44 1.50 -1.74
CA PRO A 399 1.87 0.91 -2.96
C PRO A 399 1.08 1.91 -3.79
N ILE A 400 1.02 1.64 -5.09
CA ILE A 400 0.36 2.53 -6.04
C ILE A 400 -1.08 2.12 -6.23
N TRP A 401 -1.32 0.88 -6.63
CA TRP A 401 -2.67 0.41 -6.87
C TRP A 401 -2.93 -0.86 -6.07
N ALA A 402 -4.17 -1.32 -6.14
CA ALA A 402 -4.56 -2.66 -5.73
C ALA A 402 -5.76 -3.06 -6.57
N LYS A 403 -6.09 -4.35 -6.55
CA LYS A 403 -7.22 -4.86 -7.30
C LYS A 403 -8.45 -4.81 -6.41
N ILE A 404 -9.51 -4.20 -6.91
CA ILE A 404 -10.82 -4.28 -6.26
C ILE A 404 -11.28 -5.72 -6.43
N PRO A 405 -11.63 -6.42 -5.35
CA PRO A 405 -12.06 -7.81 -5.49
C PRO A 405 -13.36 -7.95 -6.25
N HIS A 406 -13.54 -9.04 -6.97
CA HIS A 406 -14.69 -9.20 -7.84
C HIS A 406 -15.82 -9.75 -6.98
N THR A 407 -16.53 -8.83 -6.32
CA THR A 407 -17.61 -9.17 -5.40
C THR A 407 -18.89 -8.48 -5.86
N ASP A 408 -20.02 -8.93 -5.31
CA ASP A 408 -21.30 -8.35 -5.68
C ASP A 408 -21.46 -6.94 -5.12
N GLY A 409 -20.86 -6.67 -3.97
CA GLY A 409 -20.93 -5.35 -3.38
C GLY A 409 -19.62 -5.00 -2.72
N HIS A 410 -19.35 -3.70 -2.68
CA HIS A 410 -18.17 -3.14 -2.04
C HIS A 410 -18.40 -1.65 -1.82
N PHE A 411 -18.01 -1.18 -0.64
CA PHE A 411 -18.25 0.19 -0.22
C PHE A 411 -16.95 0.97 -0.26
N HIS A 412 -16.92 2.03 -1.09
CA HIS A 412 -15.83 2.99 -1.29
C HIS A 412 -14.53 2.29 -1.60
N PRO A 413 -14.34 1.82 -2.83
CA PRO A 413 -13.29 0.83 -3.14
C PRO A 413 -11.88 1.41 -3.14
N SER A 414 -11.49 2.04 -2.05
CA SER A 414 -10.12 2.50 -1.96
C SER A 414 -9.37 1.61 -1.01
N PRO A 415 -8.17 1.17 -1.36
CA PRO A 415 -7.43 0.23 -0.52
C PRO A 415 -7.04 0.85 0.80
N LEU A 416 -7.00 0.03 1.84
CA LEU A 416 -6.77 0.54 3.18
C LEU A 416 -5.29 0.82 3.41
N MET A 417 -4.44 0.36 2.51
CA MET A 417 -3.05 0.73 2.50
C MET A 417 -2.79 2.03 1.77
N GLY A 418 -3.82 2.66 1.22
CA GLY A 418 -3.64 3.82 0.38
C GLY A 418 -3.40 3.41 -1.05
N GLY A 419 -3.75 4.27 -1.99
CA GLY A 419 -3.52 4.00 -3.39
C GLY A 419 -4.80 4.07 -4.20
N PHE A 420 -4.73 3.48 -5.39
CA PHE A 420 -5.81 3.55 -6.36
C PHE A 420 -6.47 2.19 -6.48
N GLY A 421 -7.74 2.11 -6.10
CA GLY A 421 -8.47 0.88 -6.28
C GLY A 421 -8.87 0.68 -7.72
N LEU A 422 -8.49 -0.45 -8.32
CA LEU A 422 -8.71 -0.68 -9.73
C LEU A 422 -9.43 -2.01 -9.93
N LYS A 423 -10.53 -1.96 -10.67
CA LYS A 423 -11.25 -3.19 -11.01
C LYS A 423 -10.45 -4.03 -11.99
N ASN A 424 -9.86 -3.37 -12.98
CA ASN A 424 -8.95 -3.99 -13.94
C ASN A 424 -7.59 -3.35 -13.71
N PRO A 425 -6.78 -3.89 -12.81
CA PRO A 425 -5.49 -3.27 -12.50
C PRO A 425 -4.48 -3.57 -13.60
N PRO A 426 -3.25 -3.05 -13.52
CA PRO A 426 -2.20 -3.52 -14.40
C PRO A 426 -1.99 -5.02 -14.28
N PRO A 427 -2.02 -5.73 -15.40
CA PRO A 427 -2.01 -7.19 -15.35
C PRO A 427 -0.66 -7.73 -14.95
N GLN A 428 -0.66 -8.90 -14.33
CA GLN A 428 0.56 -9.53 -13.87
C GLN A 428 1.35 -10.07 -15.04
N ILE A 429 2.62 -9.67 -15.11
CA ILE A 429 3.54 -10.17 -16.12
C ILE A 429 4.34 -11.28 -15.47
N LEU A 430 4.17 -12.50 -15.99
CA LEU A 430 4.82 -13.66 -15.39
C LEU A 430 5.87 -14.18 -16.34
N ILE A 431 6.98 -14.67 -15.77
CA ILE A 431 8.19 -14.98 -16.51
C ILE A 431 8.85 -16.20 -15.88
N LYS A 432 9.34 -17.11 -16.71
CA LYS A 432 10.10 -18.24 -16.19
C LYS A 432 11.19 -18.60 -17.17
N ASN A 433 12.15 -19.39 -16.72
CA ASN A 433 13.10 -20.01 -17.62
C ASN A 433 12.49 -21.29 -18.20
N THR A 434 12.59 -21.44 -19.50
CA THR A 434 12.17 -22.67 -20.17
C THR A 434 13.06 -23.80 -19.69
N PRO A 435 12.51 -24.94 -19.29
CA PRO A 435 13.34 -26.05 -18.83
C PRO A 435 14.10 -26.72 -19.97
N VAL A 436 15.42 -26.67 -19.89
CA VAL A 436 16.30 -27.34 -20.83
C VAL A 436 16.87 -28.57 -20.11
N PRO A 437 16.43 -29.77 -20.45
CA PRO A 437 16.86 -30.95 -19.69
C PRO A 437 18.29 -31.35 -20.02
N ALA A 438 18.87 -32.16 -19.15
CA ALA A 438 20.18 -32.76 -19.38
C ALA A 438 20.01 -33.99 -20.28
N ASN A 439 21.09 -34.78 -20.37
CA ASN A 439 21.08 -35.96 -21.23
C ASN A 439 20.06 -37.00 -20.78
N PRO A 440 19.14 -37.39 -21.65
CA PRO A 440 18.27 -38.50 -21.36
C PRO A 440 19.04 -39.81 -21.49
N PRO A 441 18.53 -40.91 -20.92
CA PRO A 441 19.22 -42.19 -21.10
C PRO A 441 19.11 -42.74 -22.52
N ALA A 442 19.76 -43.87 -22.77
CA ALA A 442 19.69 -44.49 -24.08
C ALA A 442 18.34 -45.12 -24.37
N GLU A 443 17.77 -45.84 -23.41
CA GLU A 443 16.45 -46.41 -23.59
C GLU A 443 15.37 -45.48 -23.03
N PHE A 444 14.13 -45.85 -23.28
CA PHE A 444 13.02 -44.99 -22.94
C PHE A 444 12.54 -45.22 -21.51
N SER A 445 12.16 -44.12 -20.86
CA SER A 445 11.57 -44.15 -19.54
C SER A 445 10.56 -43.03 -19.42
N ALA A 446 9.36 -43.33 -18.94
CA ALA A 446 8.24 -42.37 -18.94
C ALA A 446 8.13 -41.64 -17.61
N THR A 447 9.00 -41.91 -16.65
CA THR A 447 9.11 -41.09 -15.45
C THR A 447 9.91 -39.83 -15.77
N LYS A 448 9.19 -38.71 -15.92
CA LYS A 448 9.50 -37.69 -16.92
C LYS A 448 10.90 -37.06 -16.85
N PHE A 449 11.19 -36.21 -15.87
CA PHE A 449 12.48 -35.52 -15.80
C PHE A 449 12.77 -34.95 -14.44
N ALA A 450 13.88 -35.37 -13.84
CA ALA A 450 14.43 -34.69 -12.69
C ALA A 450 15.75 -34.01 -13.00
N SER A 451 16.32 -34.28 -14.18
CA SER A 451 17.65 -33.79 -14.52
C SER A 451 17.50 -32.66 -15.54
N PHE A 452 17.73 -31.44 -15.08
CA PHE A 452 17.71 -30.27 -15.93
C PHE A 452 19.08 -29.61 -15.90
N ILE A 453 19.30 -28.71 -16.84
CA ILE A 453 20.50 -27.90 -16.88
C ILE A 453 20.28 -26.69 -16.01
N THR A 454 21.13 -26.54 -14.99
CA THR A 454 20.98 -25.45 -14.02
C THR A 454 21.32 -24.13 -14.68
N GLN A 455 20.32 -23.28 -14.89
CA GLN A 455 20.54 -22.04 -15.62
C GLN A 455 19.66 -20.97 -15.00
N TYR A 456 19.81 -19.75 -15.51
CA TYR A 456 19.08 -18.57 -15.07
C TYR A 456 19.19 -17.54 -16.18
N SER A 457 18.33 -16.54 -16.13
CA SER A 457 18.37 -15.47 -17.11
C SER A 457 18.55 -14.12 -16.43
N THR A 458 18.99 -13.16 -17.22
CA THR A 458 19.03 -11.77 -16.79
C THR A 458 18.62 -10.91 -17.98
N GLY A 459 18.52 -9.61 -17.75
CA GLY A 459 18.03 -8.72 -18.77
C GLY A 459 17.71 -7.37 -18.17
N GLN A 460 17.02 -6.56 -18.96
CA GLN A 460 16.57 -5.26 -18.53
C GLN A 460 15.05 -5.18 -18.65
N VAL A 461 14.45 -4.29 -17.84
CA VAL A 461 13.02 -4.09 -17.84
C VAL A 461 12.69 -2.62 -17.61
N SER A 462 11.88 -2.04 -18.48
CA SER A 462 11.55 -0.62 -18.39
C SER A 462 10.05 -0.42 -18.35
N VAL A 463 9.59 0.31 -17.34
CA VAL A 463 8.18 0.60 -17.13
C VAL A 463 8.02 2.10 -17.30
N GLU A 464 6.97 2.52 -18.00
CA GLU A 464 6.74 3.92 -18.30
C GLU A 464 5.29 4.29 -18.00
N ILE A 465 5.04 4.87 -16.84
CA ILE A 465 3.68 5.29 -16.51
C ILE A 465 3.54 6.78 -16.78
N GLU A 466 2.45 7.15 -17.44
CA GLU A 466 2.02 8.54 -17.62
C GLU A 466 0.99 8.89 -16.56
N TRP A 467 1.17 10.02 -15.90
CA TRP A 467 0.37 10.42 -14.76
C TRP A 467 -0.34 11.73 -15.08
N GLU A 468 -1.63 11.84 -14.76
CA GLU A 468 -2.37 13.08 -14.99
C GLU A 468 -2.35 13.91 -13.71
N LEU A 469 -1.79 15.10 -13.81
CA LEU A 469 -1.64 16.00 -12.68
C LEU A 469 -2.88 16.86 -12.52
N GLN A 470 -3.08 17.35 -11.31
CA GLN A 470 -4.13 18.31 -11.02
C GLN A 470 -3.50 19.53 -10.38
N LYS A 471 -3.49 20.65 -11.10
CA LYS A 471 -2.84 21.86 -10.66
C LYS A 471 -3.60 22.48 -9.50
N GLU A 472 -2.89 23.17 -8.64
CA GLU A 472 -3.58 23.91 -7.60
C GLU A 472 -4.20 25.16 -8.21
N ASN A 473 -5.36 25.55 -7.69
CA ASN A 473 -5.99 26.81 -8.05
C ASN A 473 -6.09 27.73 -6.83
N SER A 474 -5.08 27.71 -5.98
CA SER A 474 -5.19 28.27 -4.64
C SER A 474 -5.11 29.78 -4.66
N LYS A 475 -5.98 30.41 -3.87
CA LYS A 475 -5.96 31.84 -3.64
C LYS A 475 -5.52 32.13 -2.21
N ARG A 476 -4.66 31.26 -1.67
CA ARG A 476 -4.07 31.50 -0.37
C ARG A 476 -3.02 32.62 -0.47
N TRP A 477 -2.95 33.45 0.57
CA TRP A 477 -2.00 34.56 0.57
C TRP A 477 -0.63 34.15 1.04
N ASN A 478 -0.52 33.69 2.28
CA ASN A 478 0.75 33.39 2.94
C ASN A 478 1.41 32.16 2.31
N PRO A 479 2.71 31.93 2.49
CA PRO A 479 3.33 30.75 1.92
C PRO A 479 2.79 29.46 2.51
N GLU A 480 2.84 28.41 1.69
CA GLU A 480 2.36 27.11 2.08
C GLU A 480 3.51 26.22 2.54
N VAL A 481 3.16 25.08 3.12
CA VAL A 481 4.11 24.16 3.71
C VAL A 481 4.66 23.28 2.60
N GLN A 482 5.97 23.16 2.54
CA GLN A 482 6.67 22.46 1.47
C GLN A 482 7.46 21.29 2.04
N TYR A 483 7.95 20.44 1.14
CA TYR A 483 8.92 19.42 1.52
C TYR A 483 10.29 19.95 1.16
N THR A 484 11.00 20.45 2.16
CA THR A 484 12.35 20.94 1.97
C THR A 484 13.33 19.96 2.59
N SER A 485 14.58 20.06 2.15
CA SER A 485 15.68 19.31 2.73
C SER A 485 16.40 20.25 3.69
N ASN A 486 16.81 19.71 4.84
CA ASN A 486 17.48 20.52 5.84
C ASN A 486 18.86 20.91 5.35
N TYR A 487 19.05 22.19 5.05
CA TYR A 487 20.34 22.73 4.68
C TYR A 487 21.15 22.89 5.96
N ALA A 488 22.02 21.92 6.23
CA ALA A 488 22.89 21.97 7.39
C ALA A 488 24.15 21.19 7.05
N LYS A 489 25.19 21.36 7.87
CA LYS A 489 26.39 20.57 7.70
C LYS A 489 26.06 19.12 8.02
N SER A 490 25.95 18.29 6.98
CA SER A 490 25.52 16.92 7.11
C SER A 490 26.64 15.95 6.77
N ALA A 491 26.63 14.79 7.43
CA ALA A 491 27.62 13.78 7.11
C ALA A 491 27.20 12.98 5.88
N ASN A 492 25.90 12.76 5.72
CA ASN A 492 25.37 11.97 4.62
C ASN A 492 24.14 12.68 4.08
N VAL A 493 24.12 12.93 2.78
CA VAL A 493 22.99 13.58 2.12
C VAL A 493 21.79 12.63 2.15
N ASP A 494 20.60 13.15 2.38
CA ASP A 494 19.37 12.38 2.35
C ASP A 494 19.10 11.89 0.93
N PHE A 495 18.62 10.65 0.82
CA PHE A 495 18.24 9.98 -0.43
C PHE A 495 19.39 9.88 -1.42
N THR A 496 20.59 9.66 -0.92
CA THR A 496 21.76 9.36 -1.74
C THR A 496 22.42 8.11 -1.19
N VAL A 497 23.51 7.68 -1.84
CA VAL A 497 24.22 6.47 -1.46
C VAL A 497 25.19 6.76 -0.33
N ASP A 498 25.71 5.71 0.29
CA ASP A 498 26.58 5.81 1.45
C ASP A 498 28.04 5.84 1.01
N ASN A 499 28.95 5.63 1.97
CA ASN A 499 30.37 5.56 1.65
C ASN A 499 30.72 4.32 0.83
N ASN A 500 29.90 3.28 0.92
CA ASN A 500 30.09 2.05 0.17
C ASN A 500 28.86 1.67 -0.65
N GLY A 501 28.14 2.68 -1.12
CA GLY A 501 27.19 2.47 -2.19
C GLY A 501 25.87 1.86 -1.82
N LEU A 502 25.43 1.96 -0.56
CA LEU A 502 24.12 1.50 -0.16
C LEU A 502 23.16 2.69 -0.27
N TYR A 503 22.12 2.54 -1.08
CA TYR A 503 21.12 3.58 -1.23
C TYR A 503 20.09 3.48 -0.11
N THR A 504 19.94 4.58 0.63
CA THR A 504 19.06 4.62 1.79
C THR A 504 18.05 5.74 1.60
N GLU A 505 16.88 5.54 2.19
CA GLU A 505 15.79 6.51 2.27
C GLU A 505 15.53 6.84 3.72
N PRO A 506 15.84 8.06 4.16
CA PRO A 506 15.90 8.34 5.60
C PRO A 506 14.55 8.52 6.28
N ARG A 507 13.48 8.82 5.55
CA ARG A 507 12.19 9.11 6.15
C ARG A 507 11.12 8.87 5.11
N PRO A 508 9.89 8.58 5.53
CA PRO A 508 8.79 8.47 4.57
C PRO A 508 8.25 9.84 4.21
N ILE A 509 7.94 10.01 2.92
CA ILE A 509 7.42 11.27 2.41
C ILE A 509 6.00 11.02 1.96
N GLY A 510 5.05 11.72 2.57
CA GLY A 510 3.67 11.66 2.12
C GLY A 510 3.42 12.54 0.91
N THR A 511 2.18 12.99 0.73
CA THR A 511 1.94 13.88 -0.40
C THR A 511 0.99 15.01 -0.03
N ARG A 512 0.62 15.10 1.24
CA ARG A 512 -0.34 16.11 1.69
C ARG A 512 0.41 17.29 2.25
N TYR A 513 0.75 18.25 1.38
CA TYR A 513 1.50 19.44 1.79
C TYR A 513 0.75 20.72 1.44
N LEU A 514 0.16 20.77 0.25
CA LEU A 514 -0.64 21.92 -0.12
C LEU A 514 -1.95 21.92 0.63
N THR A 515 -2.58 23.07 0.70
CA THR A 515 -3.84 23.21 1.41
C THR A 515 -4.91 23.73 0.47
N ARG A 516 -6.16 23.52 0.86
CA ARG A 516 -7.33 24.07 0.19
C ARG A 516 -8.45 24.09 1.21
N PRO A 517 -9.45 24.97 1.07
CA PRO A 517 -10.54 24.98 2.03
C PRO A 517 -11.41 23.74 1.89
N LEU A 518 -12.09 23.38 2.97
CA LEU A 518 -12.91 22.19 2.99
C LEU A 518 -14.19 22.48 2.20
#